data_3Q13
#
_entry.id   3Q13
#
_cell.length_a   120.244
_cell.length_b   120.244
_cell.length_c   86.362
_cell.angle_alpha   90.00
_cell.angle_beta   90.00
_cell.angle_gamma   120.00
#
_symmetry.space_group_name_H-M   'P 6 2 2'
#
loop_
_entity.id
_entity.type
_entity.pdbx_description
1 polymer Spondin-1
2 branched beta-D-mannopyranose-(1-4)-2-acetamido-2-deoxy-beta-D-glucopyranose-(1-4)-2-acetamido-2-deoxy-beta-D-glucopyranose
3 non-polymer 'CALCIUM ION'
4 non-polymer 'SULFATE ION'
5 non-polymer 'ACETATE ION'
6 water water
#
_entity_poly.entity_id   1
_entity_poly.type   'polypeptide(L)'
_entity_poly.pdbx_seq_one_letter_code
;RSPWPGVTDKPILDCCACGTAKYRLTFYGNWSEKTHPKDYPRRANHWSAIIGGSHSKNYVLWEYGGYASEGVKQVAELGS
PVKMEEEIRQQSDEVLTVIKAKAQWPAWQPLNVRAAPSAEFSVDRTRHLMSFLTMMGPSPDWNVGLSAEDLCTKECGWVQ
KVVQDLIPWDAGTDSGVTYESPNKPTIPQEKIRPLTSLDHPQSPFYDPEGGSITQVARVVIERIARKGEQCNIVPDNVDD
IVADLAPEEKTGHHHHHH
;
_entity_poly.pdbx_strand_id   A
#
loop_
_chem_comp.id
_chem_comp.type
_chem_comp.name
_chem_comp.formula
ACT non-polymer 'ACETATE ION' 'C2 H3 O2 -1'
BMA D-saccharide, beta linking beta-D-mannopyranose 'C6 H12 O6'
CA non-polymer 'CALCIUM ION' 'Ca 2'
NAG D-saccharide, beta linking 2-acetamido-2-deoxy-beta-D-glucopyranose 'C8 H15 N O6'
SO4 non-polymer 'SULFATE ION' 'O4 S -2'
#
# COMPACT_ATOMS: atom_id res chain seq x y z
N THR A 8 -18.79 -1.94 29.55
CA THR A 8 -17.95 -2.28 28.35
C THR A 8 -16.45 -2.38 28.73
N ASP A 9 -15.84 -3.53 28.47
CA ASP A 9 -14.37 -3.70 28.61
C ASP A 9 -13.61 -3.19 27.36
N LYS A 10 -12.37 -2.72 27.59
CA LYS A 10 -11.44 -2.41 26.49
C LYS A 10 -11.20 -3.72 25.70
N PRO A 11 -11.17 -3.64 24.34
CA PRO A 11 -10.89 -4.91 23.62
C PRO A 11 -9.48 -5.44 23.96
N ILE A 12 -9.40 -6.75 24.18
CA ILE A 12 -8.13 -7.46 24.39
C ILE A 12 -7.08 -7.15 23.30
N LEU A 13 -5.81 -7.18 23.68
CA LEU A 13 -4.73 -6.88 22.75
C LEU A 13 -4.59 -8.02 21.74
N ASP A 14 -4.59 -7.67 20.44
CA ASP A 14 -4.52 -8.70 19.39
CA ASP A 14 -4.52 -8.67 19.37
C ASP A 14 -3.07 -9.14 19.14
N CYS A 15 -2.10 -8.26 19.39
CA CYS A 15 -0.68 -8.54 19.12
C CYS A 15 0.04 -8.81 20.44
N CYS A 16 0.68 -9.98 20.60
CA CYS A 16 1.40 -10.31 21.85
C CYS A 16 2.93 -10.22 21.74
N ALA A 17 3.45 -9.73 20.62
CA ALA A 17 4.87 -9.62 20.42
C ALA A 17 5.42 -8.48 21.29
N CYS A 18 6.70 -8.56 21.65
CA CYS A 18 7.31 -7.57 22.53
C CYS A 18 8.33 -6.75 21.77
N GLY A 19 8.72 -5.61 22.36
CA GLY A 19 9.77 -4.75 21.80
C GLY A 19 9.32 -4.15 20.48
N THR A 20 10.27 -3.83 19.59
CA THR A 20 9.93 -3.19 18.31
C THR A 20 10.63 -3.95 17.21
N ALA A 21 10.15 -3.80 15.97
CA ALA A 21 10.82 -4.42 14.78
C ALA A 21 10.87 -3.38 13.68
N LYS A 22 11.91 -3.42 12.84
CA LYS A 22 12.05 -2.49 11.72
C LYS A 22 12.03 -3.28 10.42
N TYR A 23 11.40 -2.72 9.38
CA TYR A 23 11.13 -3.41 8.12
C TYR A 23 11.60 -2.54 7.01
N ARG A 24 11.96 -3.16 5.90
CA ARG A 24 12.12 -2.46 4.62
C ARG A 24 10.94 -2.85 3.71
N LEU A 25 10.25 -1.83 3.20
CA LEU A 25 9.23 -2.00 2.18
CA LEU A 25 9.22 -1.99 2.17
C LEU A 25 9.87 -1.68 0.82
N THR A 26 9.79 -2.60 -0.13
CA THR A 26 10.32 -2.33 -1.48
C THR A 26 9.18 -2.53 -2.45
N PHE A 27 9.03 -1.59 -3.38
CA PHE A 27 7.92 -1.62 -4.33
C PHE A 27 8.43 -1.89 -5.75
N TYR A 28 8.03 -3.03 -6.32
CA TYR A 28 8.51 -3.39 -7.66
C TYR A 28 7.39 -3.22 -8.68
N GLY A 29 7.49 -2.23 -9.58
CA GLY A 29 6.47 -2.06 -10.60
C GLY A 29 6.62 -3.20 -11.64
N ASN A 30 5.50 -3.73 -12.10
CA ASN A 30 5.46 -4.74 -13.20
C ASN A 30 4.48 -4.26 -14.27
N TRP A 31 4.32 -2.96 -14.40
CA TRP A 31 3.31 -2.38 -15.30
C TRP A 31 4.03 -1.63 -16.41
N SER A 32 4.09 -2.23 -17.60
CA SER A 32 4.84 -1.66 -18.71
C SER A 32 4.13 -1.96 -20.01
N GLU A 33 4.57 -1.31 -21.08
CA GLU A 33 3.96 -1.55 -22.36
C GLU A 33 4.11 -3.02 -22.76
N LYS A 34 5.19 -3.67 -22.35
CA LYS A 34 5.35 -5.10 -22.69
C LYS A 34 4.36 -6.01 -21.95
N THR A 35 4.14 -5.76 -20.66
CA THR A 35 3.29 -6.67 -19.89
C THR A 35 1.79 -6.32 -20.03
N HIS A 36 1.47 -5.03 -20.26
CA HIS A 36 0.08 -4.56 -20.35
C HIS A 36 -0.05 -3.65 -21.56
N PRO A 37 -0.03 -4.24 -22.77
CA PRO A 37 0.04 -3.47 -24.02
C PRO A 37 -1.14 -2.56 -24.30
N LYS A 38 -2.35 -2.94 -23.91
CA LYS A 38 -3.53 -2.24 -24.42
C LYS A 38 -3.61 -0.75 -24.01
N ASP A 39 -3.60 0.13 -25.02
CA ASP A 39 -3.65 1.59 -24.78
C ASP A 39 -2.60 2.07 -23.73
N TYR A 40 -1.47 1.38 -23.62
CA TYR A 40 -0.47 1.74 -22.59
C TYR A 40 -0.03 3.20 -22.79
N PRO A 41 0.07 3.99 -21.70
CA PRO A 41 0.37 5.41 -21.92
C PRO A 41 1.89 5.64 -22.08
N ARG A 42 2.37 5.52 -23.33
CA ARG A 42 3.81 5.47 -23.60
C ARG A 42 4.57 6.71 -23.13
N ARG A 43 3.98 7.88 -23.24
CA ARG A 43 4.66 9.11 -22.85
C ARG A 43 4.46 9.49 -21.39
N ALA A 44 3.27 9.25 -20.87
CA ALA A 44 2.88 9.80 -19.58
C ALA A 44 3.04 8.84 -18.37
N ASN A 45 3.28 7.54 -18.62
CA ASN A 45 3.20 6.52 -17.56
C ASN A 45 4.16 6.82 -16.41
N HIS A 46 3.66 6.63 -15.18
CA HIS A 46 4.44 6.84 -14.00
C HIS A 46 3.76 6.16 -12.83
N TRP A 47 4.50 5.97 -11.73
CA TRP A 47 3.87 5.71 -10.42
C TRP A 47 4.05 7.00 -9.60
N SER A 48 3.01 7.41 -8.88
CA SER A 48 3.13 8.58 -8.01
C SER A 48 4.01 8.19 -6.82
N ALA A 49 4.36 9.19 -6.00
CA ALA A 49 5.02 8.93 -4.74
C ALA A 49 4.24 7.91 -3.89
N ILE A 50 4.96 7.07 -3.16
CA ILE A 50 4.37 6.15 -2.19
C ILE A 50 4.16 6.92 -0.89
N ILE A 51 2.99 6.73 -0.28
CA ILE A 51 2.69 7.33 1.02
C ILE A 51 1.93 6.29 1.86
N GLY A 52 2.29 6.19 3.15
CA GLY A 52 1.55 5.35 4.06
C GLY A 52 2.11 5.48 5.45
N GLY A 53 1.95 4.42 6.23
CA GLY A 53 2.49 4.44 7.61
C GLY A 53 2.34 3.13 8.30
N SER A 54 3.05 2.97 9.41
CA SER A 54 2.75 1.90 10.34
C SER A 54 1.79 2.50 11.35
N HIS A 55 0.79 1.75 11.78
CA HIS A 55 -0.29 2.35 12.57
C HIS A 55 -0.98 1.33 13.42
N SER A 56 -1.88 1.78 14.30
CA SER A 56 -2.71 0.91 15.13
C SER A 56 -4.01 0.52 14.44
N LYS A 57 -4.76 -0.39 15.08
CA LYS A 57 -6.09 -0.73 14.58
C LYS A 57 -7.07 0.45 14.59
N ASN A 58 -6.72 1.55 15.26
CA ASN A 58 -7.65 2.69 15.39
C ASN A 58 -7.64 3.63 14.21
N TYR A 59 -6.69 3.42 13.30
CA TYR A 59 -6.65 4.24 12.10
C TYR A 59 -6.74 3.37 10.83
N VAL A 60 -7.63 3.75 9.91
CA VAL A 60 -7.75 3.11 8.58
C VAL A 60 -7.35 4.14 7.53
N LEU A 61 -6.25 3.90 6.83
CA LEU A 61 -5.82 4.74 5.70
C LEU A 61 -6.75 4.61 4.50
N TRP A 62 -6.96 3.37 4.07
CA TRP A 62 -7.95 3.07 3.07
C TRP A 62 -8.30 1.60 3.30
N GLU A 63 -9.47 1.17 2.81
CA GLU A 63 -9.79 -0.26 2.82
C GLU A 63 -10.77 -0.56 1.70
N TYR A 64 -10.73 -1.79 1.16
CA TYR A 64 -11.78 -2.21 0.21
C TYR A 64 -13.15 -2.07 0.87
N GLY A 65 -14.11 -1.49 0.16
CA GLY A 65 -15.44 -1.33 0.67
C GLY A 65 -15.58 -0.08 1.53
N GLY A 66 -14.48 0.59 1.76
CA GLY A 66 -14.45 1.91 2.43
C GLY A 66 -14.56 3.04 1.42
N TYR A 67 -14.75 4.27 1.91
CA TYR A 67 -14.80 5.43 1.02
C TYR A 67 -13.46 6.13 1.10
N ALA A 68 -12.98 6.68 -0.03
CA ALA A 68 -11.70 7.37 -0.05
C ALA A 68 -11.75 8.65 0.78
N SER A 69 -10.78 8.83 1.68
CA SER A 69 -10.60 10.15 2.33
C SER A 69 -10.20 11.18 1.29
N GLU A 70 -10.18 12.46 1.67
CA GLU A 70 -9.64 13.49 0.81
C GLU A 70 -8.18 13.18 0.39
N GLY A 71 -7.38 12.73 1.34
CA GLY A 71 -6.00 12.45 1.01
C GLY A 71 -5.89 11.29 0.03
N VAL A 72 -6.75 10.29 0.18
CA VAL A 72 -6.73 9.13 -0.76
C VAL A 72 -7.16 9.59 -2.17
N LYS A 73 -8.16 10.46 -2.21
CA LYS A 73 -8.69 11.02 -3.44
C LYS A 73 -7.58 11.80 -4.18
N GLN A 74 -6.79 12.59 -3.45
CA GLN A 74 -5.80 13.40 -4.12
C GLN A 74 -4.64 12.55 -4.59
N VAL A 75 -4.31 11.48 -3.85
CA VAL A 75 -3.35 10.49 -4.42
C VAL A 75 -3.89 9.90 -5.73
N ALA A 76 -5.13 9.43 -5.69
CA ALA A 76 -5.77 8.73 -6.82
C ALA A 76 -5.90 9.59 -8.06
N GLU A 77 -6.22 10.87 -7.88
CA GLU A 77 -6.51 11.75 -9.00
C GLU A 77 -5.35 12.62 -9.41
N LEU A 78 -4.55 13.06 -8.46
CA LEU A 78 -3.50 14.02 -8.72
C LEU A 78 -2.10 13.41 -8.57
N GLY A 79 -2.01 12.23 -7.97
CA GLY A 79 -0.69 11.67 -7.65
C GLY A 79 -0.04 12.46 -6.53
N SER A 80 -0.79 13.33 -5.87
CA SER A 80 -0.22 14.14 -4.78
C SER A 80 -0.43 13.48 -3.40
N PRO A 81 0.67 13.17 -2.70
CA PRO A 81 0.64 12.61 -1.35
C PRO A 81 0.49 13.64 -0.20
N VAL A 82 0.39 14.91 -0.56
CA VAL A 82 0.53 15.99 0.46
C VAL A 82 -0.66 15.94 1.45
N LYS A 83 -1.89 15.90 0.96
CA LYS A 83 -3.04 15.85 1.86
C LYS A 83 -3.08 14.52 2.64
N MET A 84 -2.74 13.42 1.98
CA MET A 84 -2.69 12.13 2.67
C MET A 84 -1.68 12.19 3.84
N GLU A 85 -0.50 12.77 3.60
CA GLU A 85 0.51 12.85 4.67
C GLU A 85 -0.01 13.69 5.86
N GLU A 86 -0.68 14.82 5.57
CA GLU A 86 -1.33 15.64 6.61
CA GLU A 86 -1.29 15.62 6.64
C GLU A 86 -2.29 14.80 7.45
N GLU A 87 -3.14 14.00 6.76
CA GLU A 87 -4.14 13.15 7.45
C GLU A 87 -3.45 12.14 8.35
N ILE A 88 -2.43 11.46 7.81
CA ILE A 88 -1.65 10.51 8.59
C ILE A 88 -1.02 11.15 9.85
N ARG A 89 -0.41 12.32 9.69
CA ARG A 89 0.22 12.96 10.85
C ARG A 89 -0.83 13.47 11.87
N GLN A 90 -2.04 13.73 11.41
CA GLN A 90 -3.12 14.15 12.29
C GLN A 90 -3.57 13.05 13.23
N GLN A 91 -3.16 11.81 12.97
CA GLN A 91 -3.53 10.69 13.82
C GLN A 91 -2.63 10.54 15.05
N SER A 92 -1.61 11.41 15.09
CA SER A 92 -0.61 11.45 16.17
CA SER A 92 -0.62 11.44 16.17
C SER A 92 -0.17 10.05 16.63
N ASP A 93 -0.55 9.63 17.85
CA ASP A 93 0.01 8.39 18.43
CA ASP A 93 -0.05 8.39 18.46
C ASP A 93 -0.52 7.08 17.80
N GLU A 94 -1.56 7.17 16.96
CA GLU A 94 -2.07 6.00 16.24
C GLU A 94 -1.18 5.57 15.07
N VAL A 95 -0.20 6.41 14.74
CA VAL A 95 0.74 6.16 13.66
C VAL A 95 2.16 6.18 14.24
N LEU A 96 2.96 5.15 13.95
CA LEU A 96 4.36 5.14 14.38
C LEU A 96 5.27 5.78 13.31
N THR A 97 5.42 5.14 12.15
CA THR A 97 6.28 5.69 11.13
C THR A 97 5.45 6.21 9.95
N VAL A 98 5.80 7.38 9.43
CA VAL A 98 5.22 7.89 8.17
C VAL A 98 6.09 7.31 7.03
N ILE A 99 5.45 6.57 6.12
CA ILE A 99 6.17 5.93 5.01
C ILE A 99 6.11 6.76 3.73
N LYS A 100 7.28 7.06 3.15
CA LYS A 100 7.35 7.86 1.93
C LYS A 100 8.42 7.31 1.01
N ALA A 101 8.14 7.26 -0.27
CA ALA A 101 9.18 6.92 -1.22
C ALA A 101 8.89 7.62 -2.51
N LYS A 102 9.86 7.70 -3.40
CA LYS A 102 9.69 8.68 -4.47
C LYS A 102 8.83 8.11 -5.63
N ALA A 103 8.29 9.03 -6.40
CA ALA A 103 7.55 8.79 -7.65
C ALA A 103 8.49 8.13 -8.66
N GLN A 104 7.92 7.45 -9.65
CA GLN A 104 8.72 6.75 -10.64
C GLN A 104 8.31 7.22 -12.02
N TRP A 105 9.21 7.95 -12.70
CA TRP A 105 9.06 8.35 -14.12
C TRP A 105 10.23 7.85 -14.93
N PRO A 106 10.00 6.96 -15.92
CA PRO A 106 8.72 6.33 -16.27
C PRO A 106 8.37 5.26 -15.22
N ALA A 107 7.22 4.61 -15.41
CA ALA A 107 6.68 3.65 -14.44
C ALA A 107 7.53 2.41 -14.33
N TRP A 108 8.17 2.00 -15.43
CA TRP A 108 8.90 0.72 -15.41
C TRP A 108 10.32 0.88 -15.90
N GLN A 109 11.28 0.31 -15.18
CA GLN A 109 12.65 0.15 -15.69
C GLN A 109 13.20 -1.19 -15.20
N PRO A 110 14.17 -1.77 -15.92
CA PRO A 110 14.92 -2.90 -15.33
C PRO A 110 15.61 -2.49 -14.02
N LEU A 111 15.84 -3.46 -13.13
CA LEU A 111 16.51 -3.20 -11.86
C LEU A 111 17.96 -2.75 -12.02
N ASN A 112 18.62 -3.11 -13.11
CA ASN A 112 20.03 -2.64 -13.33
C ASN A 112 20.05 -1.16 -13.78
N VAL A 113 18.89 -0.67 -14.19
CA VAL A 113 18.75 0.73 -14.64
C VAL A 113 18.30 1.63 -13.46
N ARG A 114 17.33 1.15 -12.70
CA ARG A 114 16.80 1.96 -11.60
C ARG A 114 16.43 1.08 -10.43
N ALA A 115 16.89 1.45 -9.23
CA ALA A 115 16.50 0.77 -8.01
C ALA A 115 14.98 0.86 -7.79
N ALA A 116 14.37 -0.23 -7.31
CA ALA A 116 12.94 -0.18 -6.87
C ALA A 116 12.88 0.75 -5.67
N PRO A 117 11.89 1.65 -5.60
CA PRO A 117 11.76 2.53 -4.44
C PRO A 117 11.58 1.71 -3.15
N SER A 118 12.12 2.20 -2.03
CA SER A 118 11.97 1.48 -0.76
C SER A 118 11.92 2.50 0.36
N ALA A 119 11.38 2.07 1.49
CA ALA A 119 11.34 2.86 2.72
C ALA A 119 11.39 1.92 3.90
N GLU A 120 11.88 2.41 5.02
CA GLU A 120 11.88 1.64 6.27
C GLU A 120 10.74 2.10 7.13
N PHE A 121 10.20 1.21 7.94
CA PHE A 121 9.24 1.59 8.94
C PHE A 121 9.43 0.73 10.19
N SER A 122 8.94 1.22 11.33
CA SER A 122 8.95 0.43 12.58
C SER A 122 7.56 0.02 13.02
N VAL A 123 7.49 -1.04 13.83
CA VAL A 123 6.24 -1.47 14.43
C VAL A 123 6.49 -1.72 15.91
N ASP A 124 5.43 -1.64 16.70
CA ASP A 124 5.51 -2.08 18.09
C ASP A 124 4.19 -2.76 18.38
N ARG A 125 4.02 -3.27 19.59
CA ARG A 125 2.85 -4.04 19.93
CA ARG A 125 2.85 -4.04 19.97
C ARG A 125 1.53 -3.34 19.60
N THR A 126 1.49 -2.01 19.73
CA THR A 126 0.24 -1.31 19.42
CA THR A 126 0.25 -1.24 19.44
C THR A 126 0.13 -0.87 17.94
N ARG A 127 1.24 -0.42 17.36
CA ARG A 127 1.24 -0.01 15.95
C ARG A 127 1.91 -1.12 15.16
N HIS A 128 1.16 -2.22 14.98
CA HIS A 128 1.74 -3.41 14.39
C HIS A 128 1.21 -3.65 12.98
N LEU A 129 0.47 -2.68 12.45
CA LEU A 129 -0.09 -2.77 11.08
C LEU A 129 0.66 -1.82 10.15
N MET A 130 0.56 -2.08 8.84
CA MET A 130 1.16 -1.16 7.89
C MET A 130 0.22 -1.02 6.70
N SER A 131 0.04 0.23 6.23
CA SER A 131 -0.73 0.48 5.01
C SER A 131 0.02 1.46 4.12
N PHE A 132 -0.20 1.38 2.81
CA PHE A 132 0.36 2.40 1.93
C PHE A 132 -0.42 2.41 0.63
N LEU A 133 -0.18 3.44 -0.19
CA LEU A 133 -0.78 3.51 -1.53
C LEU A 133 0.10 4.34 -2.45
N THR A 134 -0.13 4.15 -3.75
CA THR A 134 0.57 4.89 -4.80
C THR A 134 -0.37 4.86 -6.02
N MET A 135 -0.38 5.93 -6.78
CA MET A 135 -1.29 6.03 -7.93
C MET A 135 -0.63 5.52 -9.21
N MET A 136 -1.36 4.70 -9.98
CA MET A 136 -0.96 4.28 -11.32
C MET A 136 -1.31 5.45 -12.25
N GLY A 137 -0.33 6.04 -12.89
CA GLY A 137 -0.60 7.26 -13.68
C GLY A 137 -0.16 7.22 -15.14
N PRO A 138 -0.88 7.95 -16.01
CA PRO A 138 -2.18 8.62 -15.73
C PRO A 138 -3.29 7.58 -15.50
N SER A 139 -4.29 7.92 -14.67
CA SER A 139 -5.48 7.11 -14.54
C SER A 139 -6.61 7.96 -14.00
N PRO A 140 -7.85 7.49 -14.19
CA PRO A 140 -8.93 8.32 -13.59
C PRO A 140 -8.78 8.41 -12.05
N ASP A 141 -8.58 7.25 -11.39
CA ASP A 141 -8.50 7.24 -9.92
C ASP A 141 -7.99 5.89 -9.43
N TRP A 142 -6.95 5.36 -10.08
CA TRP A 142 -6.52 3.97 -9.83
C TRP A 142 -5.21 3.91 -9.05
N ASN A 143 -5.21 3.19 -7.94
CA ASN A 143 -4.07 3.08 -7.01
C ASN A 143 -3.69 1.61 -6.87
N VAL A 144 -2.53 1.36 -6.27
CA VAL A 144 -2.26 0.05 -5.69
C VAL A 144 -1.79 0.28 -4.26
N GLY A 145 -1.82 -0.76 -3.44
CA GLY A 145 -1.32 -0.63 -2.08
C GLY A 145 -1.72 -1.82 -1.22
N LEU A 146 -1.38 -1.72 0.06
CA LEU A 146 -1.81 -2.69 1.04
C LEU A 146 -2.54 -1.94 2.11
N SER A 147 -3.55 -2.60 2.65
CA SER A 147 -4.34 -2.04 3.72
C SER A 147 -4.21 -2.95 4.93
N ALA A 148 -3.71 -2.39 6.04
CA ALA A 148 -3.63 -3.10 7.35
C ALA A 148 -2.86 -4.43 7.28
N GLU A 149 -1.73 -4.46 6.60
CA GLU A 149 -0.92 -5.66 6.57
C GLU A 149 -0.41 -5.82 8.01
N ASP A 150 -0.52 -7.03 8.58
CA ASP A 150 -0.15 -7.21 10.00
C ASP A 150 1.24 -7.83 10.14
N LEU A 151 2.14 -7.16 10.87
CA LEU A 151 3.50 -7.67 11.00
C LEU A 151 3.71 -8.49 12.30
N CYS A 152 2.68 -8.57 13.13
CA CYS A 152 2.77 -9.27 14.42
C CYS A 152 2.29 -10.69 14.20
N THR A 153 2.92 -11.69 14.83
CA THR A 153 2.45 -13.07 14.65
C THR A 153 1.78 -13.61 15.91
N LYS A 154 0.98 -14.65 15.71
CA LYS A 154 0.30 -15.41 16.76
CA LYS A 154 0.29 -15.31 16.81
C LYS A 154 1.29 -15.95 17.78
N GLU A 155 2.51 -16.25 17.31
CA GLU A 155 3.58 -16.77 18.17
C GLU A 155 4.29 -15.66 18.99
N CYS A 156 3.69 -14.48 19.04
CA CYS A 156 4.27 -13.31 19.74
C CYS A 156 5.62 -12.90 19.16
N GLY A 157 5.75 -13.02 17.84
CA GLY A 157 6.93 -12.51 17.16
C GLY A 157 6.58 -11.57 16.03
N TRP A 158 7.58 -11.35 15.18
CA TRP A 158 7.49 -10.35 14.13
C TRP A 158 7.78 -11.07 12.82
N VAL A 159 6.88 -10.93 11.86
CA VAL A 159 7.01 -11.65 10.60
CA VAL A 159 6.98 -11.58 10.54
C VAL A 159 8.36 -11.35 9.94
N GLN A 160 8.96 -12.37 9.34
CA GLN A 160 10.25 -12.19 8.71
C GLN A 160 10.15 -11.54 7.32
N LYS A 161 9.20 -11.99 6.51
CA LYS A 161 9.10 -11.52 5.10
C LYS A 161 7.67 -11.68 4.59
N VAL A 162 7.16 -10.69 3.86
CA VAL A 162 5.87 -10.82 3.18
C VAL A 162 6.13 -10.44 1.74
N VAL A 163 5.63 -11.22 0.81
CA VAL A 163 5.70 -10.87 -0.62
C VAL A 163 4.26 -10.86 -1.14
N GLN A 164 3.82 -9.76 -1.76
CA GLN A 164 2.42 -9.71 -2.24
C GLN A 164 2.35 -9.09 -3.63
N ASP A 165 1.69 -9.78 -4.56
CA ASP A 165 1.43 -9.20 -5.89
C ASP A 165 0.15 -8.39 -5.89
N LEU A 166 0.14 -7.33 -6.68
CA LEU A 166 -0.96 -6.34 -6.57
C LEU A 166 -1.61 -6.09 -7.89
N ILE A 167 -2.91 -5.78 -7.82
CA ILE A 167 -3.63 -5.24 -8.98
C ILE A 167 -4.22 -3.88 -8.60
N PRO A 168 -4.63 -3.08 -9.60
CA PRO A 168 -5.09 -1.75 -9.25
C PRO A 168 -6.46 -1.80 -8.58
N TRP A 169 -6.72 -0.78 -7.78
CA TRP A 169 -8.04 -0.57 -7.25
C TRP A 169 -8.55 0.82 -7.57
N ASP A 170 -9.87 0.95 -7.49
CA ASP A 170 -10.55 2.15 -7.93
C ASP A 170 -10.98 2.95 -6.70
N ALA A 171 -10.51 4.20 -6.61
CA ALA A 171 -10.71 5.01 -5.40
C ALA A 171 -12.13 5.51 -5.27
N GLY A 172 -12.93 5.35 -6.31
CA GLY A 172 -14.39 5.69 -6.27
C GLY A 172 -14.74 7.16 -6.49
N THR A 173 -13.79 7.93 -7.01
CA THR A 173 -13.94 9.38 -7.07
C THR A 173 -14.00 9.90 -8.52
N ASP A 174 -13.56 9.09 -9.48
CA ASP A 174 -13.64 9.54 -10.91
C ASP A 174 -14.12 8.42 -11.78
N SER A 175 -15.09 8.69 -12.64
CA SER A 175 -15.71 7.65 -13.46
C SER A 175 -15.11 7.39 -14.84
N GLY A 176 -13.96 8.00 -15.16
CA GLY A 176 -13.24 7.72 -16.43
C GLY A 176 -13.00 6.21 -16.62
N VAL A 177 -12.95 5.74 -17.87
CA VAL A 177 -12.85 4.28 -18.11
C VAL A 177 -11.45 3.79 -18.53
N THR A 178 -10.60 4.68 -19.05
CA THR A 178 -9.25 4.28 -19.44
C THR A 178 -8.23 5.27 -18.90
N TYR A 179 -6.91 4.97 -19.03
CA TYR A 179 -5.87 5.73 -18.41
C TYR A 179 -5.99 7.23 -18.67
N GLU A 180 -6.28 7.61 -19.92
CA GLU A 180 -6.29 9.03 -20.32
C GLU A 180 -7.68 9.65 -20.50
N SER A 181 -8.69 9.02 -19.92
CA SER A 181 -10.06 9.57 -20.02
C SER A 181 -10.13 10.96 -19.41
N PRO A 182 -11.00 11.85 -19.96
CA PRO A 182 -11.21 13.17 -19.34
C PRO A 182 -11.72 13.04 -17.89
N ASN A 183 -11.44 14.03 -17.06
CA ASN A 183 -11.99 14.09 -15.70
C ASN A 183 -13.50 13.93 -15.68
N LYS A 184 -14.00 13.13 -14.73
CA LYS A 184 -15.44 12.87 -14.63
C LYS A 184 -15.79 12.46 -13.21
N PRO A 185 -16.07 13.46 -12.35
CA PRO A 185 -16.31 13.27 -10.93
C PRO A 185 -17.40 12.23 -10.67
N THR A 186 -17.12 11.29 -9.76
CA THR A 186 -18.11 10.28 -9.37
C THR A 186 -18.82 10.87 -8.17
N ILE A 187 -20.11 11.16 -8.29
CA ILE A 187 -20.87 11.88 -7.21
C ILE A 187 -22.21 11.19 -7.03
N PRO A 188 -22.49 10.65 -5.83
CA PRO A 188 -21.67 10.60 -4.65
C PRO A 188 -20.49 9.66 -4.90
N GLN A 189 -19.44 9.84 -4.12
CA GLN A 189 -18.25 9.00 -4.16
CA GLN A 189 -18.27 8.99 -4.29
C GLN A 189 -18.65 7.55 -3.93
N GLU A 190 -17.99 6.61 -4.58
CA GLU A 190 -18.32 5.20 -4.43
C GLU A 190 -17.30 4.41 -3.62
N LYS A 191 -17.65 3.21 -3.21
CA LYS A 191 -16.77 2.39 -2.36
C LYS A 191 -15.53 1.99 -3.13
N ILE A 192 -14.40 1.93 -2.43
CA ILE A 192 -13.17 1.42 -3.03
C ILE A 192 -13.37 -0.06 -3.42
N ARG A 193 -12.95 -0.40 -4.64
CA ARG A 193 -13.06 -1.78 -5.08
C ARG A 193 -11.89 -2.08 -6.03
N PRO A 194 -11.48 -3.36 -6.12
CA PRO A 194 -10.46 -3.73 -7.11
C PRO A 194 -11.00 -3.62 -8.54
N LEU A 195 -10.11 -3.32 -9.49
CA LEU A 195 -10.46 -3.41 -10.91
C LEU A 195 -10.69 -4.87 -11.30
N THR A 196 -11.49 -5.10 -12.36
CA THR A 196 -11.64 -6.45 -12.93
C THR A 196 -11.50 -6.39 -14.44
N SER A 197 -11.29 -7.58 -15.05
CA SER A 197 -11.14 -7.73 -16.50
C SER A 197 -12.46 -7.53 -17.26
N LEU A 198 -13.57 -7.37 -16.56
CA LEU A 198 -14.85 -7.09 -17.21
C LEU A 198 -15.51 -5.78 -16.78
N ASP A 199 -14.73 -4.83 -16.27
CA ASP A 199 -15.30 -3.56 -15.82
C ASP A 199 -16.00 -2.80 -16.94
N HIS A 200 -15.32 -2.67 -18.08
CA HIS A 200 -15.84 -1.88 -19.19
C HIS A 200 -15.01 -2.26 -20.44
N PRO A 201 -15.68 -2.41 -21.59
CA PRO A 201 -14.95 -2.83 -22.79
C PRO A 201 -13.83 -1.92 -23.21
N GLN A 202 -13.91 -0.63 -22.87
CA GLN A 202 -12.80 0.31 -23.12
C GLN A 202 -11.71 0.37 -22.06
N SER A 203 -11.86 -0.38 -20.96
CA SER A 203 -10.79 -0.53 -19.97
C SER A 203 -9.55 -1.17 -20.59
N PRO A 204 -8.35 -0.67 -20.22
CA PRO A 204 -7.13 -1.28 -20.70
C PRO A 204 -6.96 -2.70 -20.19
N PHE A 205 -7.68 -3.07 -19.11
CA PHE A 205 -7.57 -4.45 -18.57
C PHE A 205 -8.70 -5.37 -19.04
N TYR A 206 -9.50 -4.92 -19.98
CA TYR A 206 -10.68 -5.71 -20.42
C TYR A 206 -10.24 -6.92 -21.19
N ASP A 207 -10.86 -8.06 -20.90
CA ASP A 207 -10.68 -9.27 -21.69
C ASP A 207 -12.04 -9.96 -21.71
N PRO A 208 -12.64 -10.16 -22.89
CA PRO A 208 -13.99 -10.74 -22.95
C PRO A 208 -14.04 -12.12 -22.34
N GLU A 209 -12.89 -12.81 -22.22
CA GLU A 209 -12.84 -14.10 -21.55
C GLU A 209 -12.80 -13.99 -20.02
N GLY A 210 -12.76 -12.77 -19.49
CA GLY A 210 -12.74 -12.56 -18.05
C GLY A 210 -11.39 -13.00 -17.49
N GLY A 211 -11.38 -13.53 -16.27
CA GLY A 211 -10.10 -14.04 -15.67
C GLY A 211 -9.39 -12.92 -14.93
N SER A 212 -8.26 -13.24 -14.28
CA SER A 212 -7.61 -12.26 -13.39
C SER A 212 -6.86 -11.22 -14.22
N ILE A 213 -6.68 -10.03 -13.65
CA ILE A 213 -5.86 -9.00 -14.26
C ILE A 213 -4.40 -9.40 -14.00
N THR A 214 -3.56 -9.32 -15.03
CA THR A 214 -2.10 -9.48 -14.81
C THR A 214 -1.55 -8.49 -13.76
N GLN A 215 -0.87 -9.01 -12.72
CA GLN A 215 -0.41 -8.17 -11.62
CA GLN A 215 -0.37 -8.17 -11.61
C GLN A 215 0.43 -6.97 -12.12
N VAL A 216 0.24 -5.84 -11.49
CA VAL A 216 0.89 -4.62 -11.98
C VAL A 216 2.05 -4.22 -11.09
N ALA A 217 2.17 -4.87 -9.92
CA ALA A 217 3.25 -4.60 -8.99
C ALA A 217 3.42 -5.71 -7.99
N ARG A 218 4.58 -5.75 -7.36
CA ARG A 218 4.80 -6.70 -6.28
C ARG A 218 5.43 -5.88 -5.15
N VAL A 219 4.99 -6.14 -3.92
CA VAL A 219 5.63 -5.50 -2.82
C VAL A 219 6.30 -6.54 -1.91
N VAL A 220 7.50 -6.19 -1.46
CA VAL A 220 8.28 -7.05 -0.59
C VAL A 220 8.51 -6.32 0.71
N ILE A 221 8.13 -6.97 1.80
CA ILE A 221 8.34 -6.38 3.10
C ILE A 221 9.28 -7.34 3.84
N GLU A 222 10.44 -6.85 4.29
CA GLU A 222 11.43 -7.73 4.93
C GLU A 222 11.88 -7.17 6.28
N ARG A 223 11.98 -8.01 7.30
CA ARG A 223 12.37 -7.50 8.60
C ARG A 223 13.88 -7.28 8.57
N ILE A 224 14.32 -6.10 9.04
CA ILE A 224 15.72 -5.78 9.06
C ILE A 224 16.29 -5.61 10.47
N ALA A 225 15.43 -5.39 11.47
CA ALA A 225 15.92 -5.35 12.86
C ALA A 225 14.81 -5.66 13.84
N ARG A 226 15.21 -6.04 15.06
CA ARG A 226 14.32 -6.05 16.20
C ARG A 226 15.04 -5.31 17.32
N LYS A 227 14.28 -4.79 18.28
CA LYS A 227 14.90 -4.12 19.42
C LYS A 227 14.11 -4.39 20.69
N GLY A 228 14.81 -4.52 21.80
CA GLY A 228 14.15 -4.77 23.08
C GLY A 228 14.00 -6.25 23.32
N GLU A 229 13.55 -6.59 24.53
CA GLU A 229 13.42 -7.97 24.91
C GLU A 229 12.34 -8.58 24.05
N GLN A 230 12.56 -9.82 23.65
CA GLN A 230 11.65 -10.51 22.75
C GLN A 230 10.89 -11.60 23.52
N CYS A 231 9.70 -11.97 23.05
CA CYS A 231 8.89 -12.94 23.77
C CYS A 231 8.22 -13.95 22.84
N ASN A 232 8.86 -14.21 21.70
CA ASN A 232 8.39 -15.20 20.72
C ASN A 232 8.39 -16.63 21.31
N ILE A 233 7.32 -17.38 21.05
CA ILE A 233 7.14 -18.70 21.64
C ILE A 233 7.75 -19.81 20.75
N VAL A 234 8.26 -19.41 19.57
CA VAL A 234 9.07 -20.30 18.73
C VAL A 234 10.43 -19.61 18.51
N PRO A 235 11.50 -20.37 18.19
CA PRO A 235 12.80 -19.73 18.06
C PRO A 235 12.79 -18.73 16.92
N ASP A 236 13.57 -17.68 17.10
CA ASP A 236 13.83 -16.74 16.05
C ASP A 236 15.24 -16.27 16.23
N ASN A 237 16.20 -17.07 15.75
CA ASN A 237 17.60 -16.87 16.05
C ASN A 237 18.32 -15.97 15.05
N VAL A 238 17.56 -15.39 14.12
CA VAL A 238 18.10 -14.32 13.26
C VAL A 238 18.85 -13.27 14.09
N ASP A 239 20.09 -12.96 13.67
CA ASP A 239 20.94 -12.07 14.46
C ASP A 239 20.69 -10.63 14.06
N ASP A 240 19.47 -10.15 14.33
CA ASP A 240 19.09 -8.81 13.91
C ASP A 240 18.63 -7.93 15.09
N ILE A 241 18.88 -8.37 16.32
CA ILE A 241 18.45 -7.61 17.51
C ILE A 241 19.54 -6.57 17.79
N VAL A 242 19.16 -5.29 17.82
CA VAL A 242 20.13 -4.24 18.02
C VAL A 242 20.19 -3.90 19.52
N ALA A 243 21.41 -3.76 20.04
CA ALA A 243 21.63 -3.41 21.47
C ALA A 243 21.32 -1.94 21.74
C1 NAG B . 7.31 -8.33 -11.20
C2 NAG B . 7.61 -9.68 -11.86
C3 NAG B . 8.23 -10.60 -10.81
C4 NAG B . 9.52 -9.94 -10.31
C5 NAG B . 9.25 -8.47 -9.86
C6 NAG B . 10.53 -7.71 -9.54
C7 NAG B . 6.17 -10.43 -13.73
C8 NAG B . 4.97 -11.28 -14.02
N2 NAG B . 6.48 -10.39 -12.43
O3 NAG B . 8.39 -11.89 -11.39
O4 NAG B . 10.09 -10.69 -9.26
O5 NAG B . 8.55 -7.73 -10.82
O6 NAG B . 11.47 -7.79 -10.59
O7 NAG B . 6.73 -9.80 -14.63
C1 NAG B . 11.36 -11.33 -9.61
C2 NAG B . 11.99 -11.81 -8.29
C3 NAG B . 13.25 -12.67 -8.47
C4 NAG B . 13.07 -13.72 -9.57
C5 NAG B . 12.23 -13.30 -10.77
C6 NAG B . 11.60 -14.56 -11.39
C7 NAG B . 11.58 -10.25 -6.41
C8 NAG B . 10.50 -11.13 -5.87
N2 NAG B . 12.25 -10.62 -7.51
O3 NAG B . 13.53 -13.28 -7.22
O4 NAG B . 14.34 -14.18 -10.02
O5 NAG B . 11.13 -12.43 -10.47
O6 NAG B . 11.83 -14.54 -12.77
O7 NAG B . 11.86 -9.19 -5.84
C1 BMA B . 14.45 -15.62 -9.94
C2 BMA B . 15.76 -16.11 -10.60
C3 BMA B . 15.76 -17.64 -10.60
C4 BMA B . 15.57 -18.20 -9.18
C5 BMA B . 14.36 -17.59 -8.44
C6 BMA B . 14.50 -17.86 -6.95
O2 BMA B . 16.92 -15.61 -9.89
O3 BMA B . 16.98 -18.14 -11.20
O4 BMA B . 15.46 -19.64 -9.20
O5 BMA B . 14.27 -16.15 -8.60
O6 BMA B . 13.66 -18.96 -6.59
CA CA C . -13.26 5.21 -10.64
S SO4 D . -4.11 -4.52 19.13
O1 SO4 D . -2.90 -5.33 19.40
O2 SO4 D . -4.26 -4.26 17.67
O3 SO4 D . -5.31 -5.24 19.61
O4 SO4 D . -4.02 -3.25 19.86
S SO4 E . 5.67 14.50 -30.66
O1 SO4 E . 7.12 14.40 -30.51
O2 SO4 E . 5.08 14.70 -29.35
O3 SO4 E . 5.36 15.67 -31.50
O4 SO4 E . 5.05 13.31 -31.26
S SO4 F . 7.19 7.84 -28.81
O1 SO4 F . 6.92 9.03 -29.61
O2 SO4 F . 8.46 7.98 -28.11
O3 SO4 F . 6.12 7.69 -27.83
O4 SO4 F . 7.22 6.68 -29.70
C ACT G . 8.16 10.39 11.13
O ACT G . 7.57 11.15 11.94
OXT ACT G . 8.92 10.97 10.33
CH3 ACT G . 7.92 8.92 11.16
#